data_5F9Q
#
_entry.id   5F9Q
#
_cell.length_a   44.169
_cell.length_b   46.147
_cell.length_c   87.543
_cell.angle_alpha   90.00
_cell.angle_beta   90.00
_cell.angle_gamma   90.00
#
_symmetry.space_group_name_H-M   'P 21 21 21'
#
loop_
_entity.id
_entity.type
_entity.pdbx_description
1 polymer 'Macrolide export ATP-binding/permease protein YknZ'
2 water water
#
_entity_poly.entity_id   1
_entity_poly.type   'polypeptide(L)'
_entity_poly.pdbx_seq_one_letter_code
;NTIELFY(MSE)PSDEELTANPNALQEASFTEEDINGLKGVDGVKQVVASAVKS(MSE)TARYHEEDTDITLNGINSGY
(MSE)DVKKLDVQDGRTFTDNDFLSGKRAGIISKK(MSE)AEKLFGKTSPLGKIVWAGGQPVEVIGVLKEESGFLSLGLS
E(MSE)YVPFN(MSE)LKTSFGTNDYSNVSVQTESADQIKSTGKEAARLLNDNHGTKEAYQV(MSE)N
;
_entity_poly.pdbx_strand_id   A
#
# COMPACT_ATOMS: atom_id res chain seq x y z
N ASN A 1 -9.69 11.47 -10.21
CA ASN A 1 -8.46 11.89 -10.87
C ASN A 1 -7.30 11.00 -10.52
N THR A 2 -7.56 9.72 -10.33
CA THR A 2 -6.50 8.78 -10.10
C THR A 2 -6.45 7.82 -11.27
N ILE A 3 -5.28 7.27 -11.58
CA ILE A 3 -5.27 6.19 -12.55
C ILE A 3 -4.29 5.13 -12.11
N GLU A 4 -4.70 3.88 -12.24
CA GLU A 4 -3.90 2.78 -11.78
C GLU A 4 -2.92 2.34 -12.88
N LEU A 5 -1.77 1.86 -12.43
CA LEU A 5 -0.74 1.35 -13.31
C LEU A 5 -0.73 -0.16 -13.15
N PHE A 6 -0.58 -0.90 -14.24
CA PHE A 6 -0.58 -2.34 -14.19
C PHE A 6 0.66 -2.86 -14.86
N TYR A 7 0.99 -4.11 -14.58
CA TYR A 7 2.14 -4.73 -15.19
C TYR A 7 1.70 -5.95 -15.99
N PRO A 9 3.33 -7.95 -19.17
CA PRO A 9 4.34 -8.12 -20.21
C PRO A 9 3.80 -8.85 -21.42
N SER A 10 4.16 -8.39 -22.63
CA SER A 10 3.78 -9.09 -23.86
C SER A 10 4.66 -10.32 -24.06
N ASP A 11 4.34 -11.11 -25.09
CA ASP A 11 5.13 -12.27 -25.42
C ASP A 11 6.53 -11.82 -25.86
N GLU A 12 6.56 -10.72 -26.60
CA GLU A 12 7.81 -10.09 -26.99
C GLU A 12 8.61 -9.67 -25.75
N GLU A 13 7.89 -9.39 -24.67
CA GLU A 13 8.52 -8.96 -23.43
C GLU A 13 9.00 -10.15 -22.56
N LEU A 14 8.16 -11.18 -22.48
CA LEU A 14 8.47 -12.36 -21.67
C LEU A 14 9.64 -13.17 -22.21
N THR A 15 9.71 -13.33 -23.54
CA THR A 15 10.79 -14.13 -24.16
C THR A 15 12.12 -13.38 -24.18
N ALA A 16 12.11 -12.13 -23.72
CA ALA A 16 13.35 -11.39 -23.53
C ALA A 16 13.81 -11.47 -22.08
N ASN A 17 12.89 -11.81 -21.17
CA ASN A 17 13.15 -11.77 -19.72
C ASN A 17 12.45 -12.85 -18.86
N PRO A 18 12.97 -14.10 -18.88
CA PRO A 18 12.48 -15.08 -17.90
C PRO A 18 13.03 -14.85 -16.49
N ALA A 24 3.41 -8.39 -11.08
CA ALA A 24 3.21 -6.97 -10.79
C ALA A 24 4.11 -6.49 -9.66
N SER A 25 5.11 -5.72 -10.04
CA SER A 25 6.11 -5.29 -9.09
C SER A 25 6.41 -3.82 -9.30
N PHE A 26 6.35 -3.03 -8.23
CA PHE A 26 6.76 -1.63 -8.31
C PHE A 26 7.70 -1.38 -7.16
N THR A 27 8.86 -0.80 -7.44
CA THR A 27 9.92 -0.60 -6.44
C THR A 27 9.76 0.74 -5.74
N GLU A 28 10.54 0.95 -4.68
CA GLU A 28 10.59 2.27 -4.05
C GLU A 28 11.11 3.32 -5.04
N GLU A 29 12.12 2.97 -5.82
CA GLU A 29 12.61 3.86 -6.87
C GLU A 29 11.45 4.26 -7.76
N ASP A 30 10.60 3.31 -8.12
CA ASP A 30 9.43 3.59 -8.95
C ASP A 30 8.49 4.63 -8.31
N ILE A 31 8.04 4.33 -7.10
CA ILE A 31 7.16 5.23 -6.36
C ILE A 31 7.74 6.65 -6.28
N ASN A 32 9.06 6.76 -6.07
CA ASN A 32 9.70 8.06 -5.95
C ASN A 32 9.81 8.76 -7.29
N GLY A 33 10.12 8.00 -8.34
CA GLY A 33 10.13 8.55 -9.70
C GLY A 33 8.79 9.14 -10.13
N LEU A 34 7.72 8.39 -9.89
CA LEU A 34 6.38 8.78 -10.26
C LEU A 34 5.99 10.15 -9.71
N LYS A 35 6.44 10.43 -8.48
CA LYS A 35 6.08 11.66 -7.79
C LYS A 35 6.56 12.86 -8.58
N GLY A 36 7.66 12.68 -9.31
CA GLY A 36 8.20 13.75 -10.13
C GLY A 36 7.74 13.76 -11.57
N VAL A 37 6.78 12.90 -11.92
CA VAL A 37 6.26 12.92 -13.27
C VAL A 37 5.32 14.11 -13.38
N ASP A 38 5.38 14.80 -14.51
CA ASP A 38 4.52 15.97 -14.76
C ASP A 38 3.04 15.60 -14.54
N GLY A 39 2.34 16.37 -13.72
CA GLY A 39 0.92 16.21 -13.50
C GLY A 39 0.58 15.34 -12.30
N VAL A 40 1.60 14.72 -11.72
CA VAL A 40 1.38 13.84 -10.57
C VAL A 40 1.33 14.69 -9.31
N LYS A 41 0.20 14.59 -8.62
CA LYS A 41 -0.01 15.25 -7.35
C LYS A 41 0.43 14.34 -6.23
N GLN A 42 0.09 13.05 -6.38
CA GLN A 42 0.35 12.09 -5.33
C GLN A 42 0.48 10.67 -5.88
N VAL A 43 1.28 9.85 -5.20
CA VAL A 43 1.43 8.44 -5.54
C VAL A 43 0.76 7.55 -4.48
N VAL A 44 -0.13 6.66 -4.93
CA VAL A 44 -0.89 5.79 -4.05
C VAL A 44 -0.37 4.37 -4.19
N ALA A 45 0.37 3.90 -3.18
CA ALA A 45 1.07 2.65 -3.30
C ALA A 45 0.81 1.70 -2.14
N SER A 46 0.64 0.42 -2.46
CA SER A 46 0.43 -0.60 -1.43
C SER A 46 0.94 -1.99 -1.82
N ALA A 47 1.30 -2.74 -0.79
CA ALA A 47 1.67 -4.11 -0.92
C ALA A 47 0.63 -4.85 -0.13
N VAL A 48 -0.13 -5.69 -0.82
CA VAL A 48 -1.30 -6.33 -0.23
C VAL A 48 -0.99 -7.81 -0.04
N LYS A 49 -1.19 -8.32 1.17
CA LYS A 49 -0.94 -9.72 1.40
C LYS A 49 -1.92 -10.31 2.38
N SER A 50 -2.32 -11.56 2.13
CA SER A 50 -3.24 -12.27 3.01
C SER A 50 -2.46 -13.09 4.02
N THR A 52 -2.82 -14.85 8.48
CA THR A 52 -3.58 -14.97 9.73
C THR A 52 -3.12 -13.91 10.73
N ALA A 53 -4.05 -13.32 11.47
CA ALA A 53 -3.69 -12.44 12.57
C ALA A 53 -4.09 -13.09 13.86
N ARG A 54 -3.31 -12.86 14.91
CA ARG A 54 -3.56 -13.56 16.16
C ARG A 54 -3.44 -12.66 17.36
N TYR A 55 -4.42 -12.74 18.25
CA TYR A 55 -4.32 -12.07 19.55
C TYR A 55 -4.81 -13.05 20.60
N HIS A 56 -3.98 -13.31 21.59
CA HIS A 56 -4.26 -14.34 22.60
C HIS A 56 -4.77 -15.62 21.97
N GLU A 57 -5.96 -16.05 22.39
CA GLU A 57 -6.54 -17.28 21.86
C GLU A 57 -7.39 -17.08 20.59
N GLU A 58 -7.43 -15.87 20.06
CA GLU A 58 -8.25 -15.59 18.88
C GLU A 58 -7.43 -15.59 17.59
N ASP A 59 -7.95 -16.22 16.53
CA ASP A 59 -7.39 -16.16 15.18
C ASP A 59 -8.44 -15.70 14.16
N THR A 60 -8.03 -14.83 13.25
CA THR A 60 -8.83 -14.53 12.08
C THR A 60 -7.91 -14.31 10.91
N ASP A 61 -8.44 -14.48 9.72
CA ASP A 61 -7.67 -14.23 8.53
C ASP A 61 -7.87 -12.78 8.14
N ILE A 62 -6.79 -12.14 7.72
CA ILE A 62 -6.83 -10.73 7.44
C ILE A 62 -6.18 -10.36 6.12
N THR A 63 -6.48 -9.15 5.66
CA THR A 63 -5.69 -8.52 4.61
C THR A 63 -4.75 -7.54 5.29
N LEU A 64 -3.47 -7.64 5.00
CA LEU A 64 -2.49 -6.70 5.53
C LEU A 64 -2.07 -5.78 4.39
N ASN A 65 -2.17 -4.46 4.57
CA ASN A 65 -1.75 -3.52 3.54
C ASN A 65 -0.54 -2.71 4.01
N GLY A 66 0.58 -2.85 3.31
CA GLY A 66 1.72 -2.03 3.62
C GLY A 66 1.65 -0.87 2.65
N ILE A 67 1.50 0.33 3.17
CA ILE A 67 1.23 1.47 2.30
C ILE A 67 2.27 2.57 2.44
N ASN A 68 2.26 3.50 1.48
CA ASN A 68 3.11 4.69 1.55
C ASN A 68 2.28 5.86 2.09
N SER A 69 2.92 7.01 2.22
CA SER A 69 2.28 8.16 2.87
C SER A 69 1.23 8.79 1.98
N GLY A 70 1.40 8.61 0.67
CA GLY A 70 0.45 9.14 -0.29
C GLY A 70 -0.89 8.43 -0.27
N TYR A 71 -0.85 7.16 0.13
CA TYR A 71 -2.02 6.30 0.11
C TYR A 71 -3.11 6.84 1.01
N ASP A 73 -3.23 9.90 2.30
CA ASP A 73 -3.53 11.20 1.71
C ASP A 73 -4.75 11.07 0.79
N VAL A 74 -4.59 10.30 -0.27
CA VAL A 74 -5.57 10.19 -1.34
C VAL A 74 -6.79 9.37 -0.96
N LYS A 75 -6.56 8.29 -0.24
CA LYS A 75 -7.67 7.45 0.21
C LYS A 75 -8.33 8.14 1.40
N LYS A 76 -9.65 8.22 1.36
CA LYS A 76 -10.38 8.88 2.43
C LYS A 76 -10.43 7.96 3.65
N LEU A 77 -9.26 7.56 4.13
CA LEU A 77 -9.20 6.65 5.26
C LEU A 77 -9.30 7.40 6.58
N ASP A 78 -10.26 6.97 7.38
CA ASP A 78 -10.74 7.74 8.50
C ASP A 78 -10.64 6.94 9.81
N VAL A 79 -9.77 7.38 10.71
CA VAL A 79 -9.56 6.68 11.98
C VAL A 79 -10.59 7.16 13.00
N GLN A 80 -11.31 6.23 13.64
CA GLN A 80 -12.33 6.62 14.61
C GLN A 80 -11.81 6.73 16.04
N ASP A 81 -10.99 5.76 16.44
CA ASP A 81 -10.33 5.81 17.75
C ASP A 81 -8.84 5.62 17.61
N GLY A 82 -8.07 6.40 18.36
CA GLY A 82 -6.62 6.32 18.28
C GLY A 82 -6.10 7.36 17.32
N ARG A 83 -5.12 6.99 16.51
CA ARG A 83 -4.50 7.96 15.62
C ARG A 83 -4.17 7.35 14.25
N THR A 84 -3.84 8.22 13.32
CA THR A 84 -3.39 7.77 12.03
C THR A 84 -1.87 7.82 11.98
N PHE A 85 -1.28 7.31 10.91
CA PHE A 85 0.17 7.34 10.77
C PHE A 85 0.72 8.73 10.57
N THR A 86 1.94 8.95 11.06
CA THR A 86 2.68 10.16 10.76
C THR A 86 3.74 9.83 9.72
N ASP A 87 4.25 10.85 9.04
CA ASP A 87 5.32 10.67 8.07
C ASP A 87 6.54 9.97 8.69
N ASN A 88 6.77 10.18 9.98
CA ASN A 88 7.86 9.42 10.60
C ASN A 88 7.54 7.95 10.83
N ASP A 89 6.26 7.61 11.02
CA ASP A 89 5.91 6.20 11.07
C ASP A 89 6.30 5.50 9.76
N PHE A 90 6.08 6.17 8.63
CA PHE A 90 6.45 5.62 7.32
C PHE A 90 7.96 5.54 7.12
N LEU A 91 8.64 6.58 7.60
CA LEU A 91 10.09 6.66 7.51
C LEU A 91 10.77 5.52 8.23
N SER A 92 10.45 5.36 9.51
CA SER A 92 11.08 4.37 10.36
C SER A 92 10.48 2.98 10.23
N GLY A 93 9.37 2.88 9.52
CA GLY A 93 8.65 1.63 9.44
C GLY A 93 8.31 1.06 10.80
N LYS A 94 7.69 1.87 11.67
CA LYS A 94 7.30 1.40 13.01
C LYS A 94 6.42 0.15 12.93
N ARG A 95 6.42 -0.64 14.00
CA ARG A 95 5.52 -1.76 14.11
C ARG A 95 4.16 -1.26 14.58
N ALA A 96 3.53 -0.42 13.76
CA ALA A 96 2.27 0.20 14.10
C ALA A 96 1.22 -0.16 13.05
N GLY A 97 0.00 -0.48 13.48
CA GLY A 97 -1.05 -0.90 12.58
C GLY A 97 -2.36 -0.19 12.83
N ILE A 98 -3.08 0.11 11.77
CA ILE A 98 -4.44 0.66 11.85
C ILE A 98 -5.42 -0.39 11.34
N ILE A 99 -6.37 -0.78 12.19
CA ILE A 99 -7.26 -1.90 11.86
C ILE A 99 -8.71 -1.49 11.59
N SER A 100 -9.41 -2.32 10.81
CA SER A 100 -10.82 -2.09 10.54
C SER A 100 -11.63 -2.45 11.75
N LYS A 101 -12.82 -1.88 11.82
CA LYS A 101 -13.77 -2.22 12.86
C LYS A 101 -14.01 -3.72 12.94
N LYS A 102 -14.17 -4.37 11.79
CA LYS A 102 -14.48 -5.79 11.80
C LYS A 102 -13.39 -6.62 12.44
N ALA A 104 -11.11 -5.57 14.53
CA ALA A 104 -11.08 -5.26 15.96
C ALA A 104 -12.12 -6.08 16.70
N GLU A 105 -13.32 -6.17 16.11
CA GLU A 105 -14.39 -6.91 16.77
C GLU A 105 -14.05 -8.39 16.86
N LYS A 106 -13.48 -8.94 15.79
CA LYS A 106 -13.12 -10.35 15.75
C LYS A 106 -12.03 -10.69 16.77
N LEU A 107 -11.00 -9.87 16.85
CA LEU A 107 -9.92 -10.15 17.79
C LEU A 107 -10.18 -9.64 19.21
N PHE A 108 -10.92 -8.55 19.36
CA PHE A 108 -11.02 -7.95 20.69
C PHE A 108 -12.46 -7.85 21.24
N GLY A 109 -13.46 -8.10 20.40
CA GLY A 109 -14.84 -7.92 20.81
C GLY A 109 -15.16 -6.46 21.08
N LYS A 110 -15.48 -6.16 22.32
CA LYS A 110 -15.78 -4.78 22.73
C LYS A 110 -14.61 -4.16 23.48
N THR A 111 -13.57 -4.96 23.71
CA THR A 111 -12.37 -4.46 24.36
C THR A 111 -11.61 -3.55 23.41
N SER A 112 -11.09 -2.46 23.96
CA SER A 112 -10.27 -1.54 23.19
C SER A 112 -9.00 -2.22 22.70
N PRO A 113 -8.77 -2.17 21.39
CA PRO A 113 -7.56 -2.73 20.76
C PRO A 113 -6.32 -1.83 20.88
N LEU A 114 -6.52 -0.57 21.26
CA LEU A 114 -5.45 0.41 21.21
C LEU A 114 -4.34 0.07 22.21
N GLY A 115 -3.11 0.01 21.71
CA GLY A 115 -2.02 -0.33 22.57
C GLY A 115 -1.71 -1.81 22.64
N LYS A 116 -2.62 -2.66 22.18
CA LYS A 116 -2.40 -4.10 22.24
C LYS A 116 -1.56 -4.58 21.04
N ILE A 117 -0.84 -5.70 21.24
CA ILE A 117 -0.06 -6.31 20.18
C ILE A 117 -0.82 -7.41 19.48
N VAL A 118 -1.02 -7.25 18.18
CA VAL A 118 -1.56 -8.30 17.33
C VAL A 118 -0.43 -8.98 16.57
N TRP A 119 -0.51 -10.28 16.35
CA TRP A 119 0.54 -10.99 15.64
C TRP A 119 0.05 -11.32 14.25
N ALA A 120 0.59 -10.62 13.25
CA ALA A 120 0.22 -10.89 11.86
C ALA A 120 1.31 -11.72 11.18
N GLY A 121 0.95 -12.89 10.67
CA GLY A 121 1.93 -13.78 10.07
C GLY A 121 3.17 -14.03 10.93
N GLY A 122 3.00 -14.03 12.25
CA GLY A 122 4.10 -14.24 13.17
C GLY A 122 4.86 -12.99 13.57
N GLN A 123 4.40 -11.86 13.06
CA GLN A 123 5.05 -10.59 13.38
C GLN A 123 4.17 -9.73 14.30
N PRO A 124 4.79 -9.12 15.33
CA PRO A 124 4.00 -8.30 16.26
C PRO A 124 3.75 -6.90 15.73
N VAL A 125 2.54 -6.41 15.95
CA VAL A 125 2.13 -5.07 15.51
C VAL A 125 1.25 -4.43 16.57
N GLU A 126 1.64 -3.23 17.03
CA GLU A 126 0.83 -2.47 17.97
C GLU A 126 -0.31 -1.75 17.24
N VAL A 127 -1.52 -2.02 17.70
CA VAL A 127 -2.68 -1.37 17.12
C VAL A 127 -2.69 0.08 17.61
N ILE A 128 -2.57 1.03 16.68
CA ILE A 128 -2.57 2.45 17.07
C ILE A 128 -3.83 3.18 16.61
N GLY A 129 -4.64 2.54 15.78
CA GLY A 129 -5.88 3.15 15.34
C GLY A 129 -6.92 2.12 14.94
N VAL A 130 -8.20 2.43 15.15
CA VAL A 130 -9.29 1.66 14.52
C VAL A 130 -10.02 2.54 13.52
N LEU A 131 -10.25 2.03 12.30
CA LEU A 131 -10.93 2.81 11.25
C LEU A 131 -12.45 3.04 11.47
N LYS A 132 -12.94 4.12 10.89
CA LYS A 132 -14.38 4.45 10.86
C LYS A 132 -15.10 3.47 9.95
N GLU A 133 -16.29 3.02 10.36
CA GLU A 133 -17.08 2.09 9.56
C GLU A 133 -18.04 2.84 8.66
N GLY A 141 -17.10 -4.58 4.11
CA GLY A 141 -16.82 -5.11 5.43
C GLY A 141 -15.70 -6.13 5.43
N LEU A 142 -14.57 -5.76 5.99
CA LEU A 142 -13.40 -6.61 5.88
C LEU A 142 -12.45 -6.57 7.08
N SER A 143 -11.77 -7.67 7.34
CA SER A 143 -10.70 -7.73 8.32
C SER A 143 -9.40 -7.35 7.63
N GLU A 144 -8.95 -6.13 7.86
CA GLU A 144 -7.72 -5.72 7.23
C GLU A 144 -7.00 -4.71 8.11
N TYR A 146 -3.68 -1.86 8.20
CA TYR A 146 -2.72 -1.07 7.46
C TYR A 146 -1.47 -0.87 8.31
N VAL A 147 -0.32 -1.02 7.67
CA VAL A 147 0.95 -0.82 8.31
C VAL A 147 1.85 -0.05 7.34
N PRO A 148 2.82 0.69 7.86
CA PRO A 148 3.79 1.34 6.97
C PRO A 148 4.45 0.29 6.08
N PHE A 149 4.54 0.59 4.79
CA PHE A 149 5.21 -0.29 3.87
C PHE A 149 6.61 -0.68 4.36
N ASN A 150 7.38 0.29 4.84
CA ASN A 150 8.73 -0.01 5.35
C ASN A 150 8.79 -1.07 6.45
N LEU A 152 7.06 -3.79 6.26
CA LEU A 152 7.00 -5.08 5.54
C LEU A 152 8.37 -5.57 5.15
N LYS A 153 9.26 -4.62 4.83
CA LYS A 153 10.62 -4.95 4.39
C LYS A 153 11.37 -5.79 5.39
N THR A 154 11.36 -5.32 6.62
CA THR A 154 12.11 -5.95 7.69
C THR A 154 11.35 -7.14 8.29
N SER A 155 10.03 -7.03 8.37
CA SER A 155 9.24 -8.07 9.03
C SER A 155 8.91 -9.26 8.13
N PHE A 156 8.64 -9.00 6.85
CA PHE A 156 8.25 -10.08 5.95
C PHE A 156 9.18 -10.23 4.74
N GLY A 157 10.08 -9.27 4.54
CA GLY A 157 11.04 -9.36 3.46
C GLY A 157 10.41 -8.92 2.16
N THR A 158 9.26 -8.26 2.29
CA THR A 158 8.60 -7.69 1.14
C THR A 158 9.26 -6.38 0.78
N ASN A 159 9.86 -6.32 -0.40
CA ASN A 159 10.52 -5.09 -0.79
C ASN A 159 9.88 -4.33 -1.97
N ASP A 160 8.84 -4.90 -2.56
CA ASP A 160 8.10 -4.19 -3.62
C ASP A 160 6.65 -3.95 -3.28
N TYR A 161 6.06 -2.95 -3.94
CA TYR A 161 4.62 -2.73 -3.90
C TYR A 161 3.89 -3.60 -4.93
N SER A 162 2.67 -3.98 -4.61
CA SER A 162 1.89 -4.82 -5.50
C SER A 162 0.92 -3.98 -6.33
N ASN A 163 0.60 -2.79 -5.85
CA ASN A 163 -0.45 -1.96 -6.43
C ASN A 163 -0.09 -0.50 -6.36
N VAL A 164 -0.15 0.19 -7.50
CA VAL A 164 0.17 1.60 -7.54
C VAL A 164 -0.78 2.39 -8.40
N SER A 165 -1.26 3.50 -7.85
CA SER A 165 -1.97 4.47 -8.65
C SER A 165 -1.33 5.85 -8.49
N VAL A 166 -1.56 6.75 -9.46
CA VAL A 166 -1.16 8.14 -9.29
C VAL A 166 -2.38 9.04 -9.34
N GLN A 167 -2.38 10.07 -8.49
CA GLN A 167 -3.41 11.10 -8.51
C GLN A 167 -2.92 12.31 -9.27
N THR A 168 -3.68 12.74 -10.26
CA THR A 168 -3.27 13.92 -11.02
C THR A 168 -3.83 15.18 -10.40
N GLU A 169 -3.31 16.32 -10.82
CA GLU A 169 -3.81 17.61 -10.39
C GLU A 169 -5.15 17.92 -11.04
N SER A 170 -5.33 17.50 -12.28
CA SER A 170 -6.62 17.68 -12.96
C SER A 170 -7.00 16.52 -13.87
N ALA A 171 -8.29 16.40 -14.18
CA ALA A 171 -8.79 15.24 -14.91
C ALA A 171 -8.26 15.20 -16.33
N ASP A 172 -7.96 16.37 -16.88
CA ASP A 172 -7.53 16.46 -18.26
C ASP A 172 -6.06 16.02 -18.44
N GLN A 173 -5.41 15.66 -17.34
CA GLN A 173 -4.00 15.24 -17.36
C GLN A 173 -3.84 13.74 -17.35
N ILE A 174 -4.94 13.03 -17.07
CA ILE A 174 -4.90 11.60 -16.90
C ILE A 174 -4.27 10.88 -18.08
N LYS A 175 -4.73 11.18 -19.30
CA LYS A 175 -4.24 10.48 -20.48
C LYS A 175 -2.73 10.63 -20.65
N SER A 176 -2.23 11.86 -20.57
CA SER A 176 -0.80 12.10 -20.78
C SER A 176 0.06 11.75 -19.56
N THR A 177 -0.38 12.15 -18.37
CA THR A 177 0.35 11.76 -17.18
C THR A 177 0.40 10.23 -17.06
N GLY A 178 -0.73 9.57 -17.25
CA GLY A 178 -0.75 8.10 -17.23
C GLY A 178 0.27 7.46 -18.15
N LYS A 179 0.36 7.96 -19.37
CA LYS A 179 1.27 7.45 -20.38
C LYS A 179 2.73 7.66 -19.98
N GLU A 180 2.99 8.85 -19.45
CA GLU A 180 4.34 9.23 -19.04
C GLU A 180 4.81 8.40 -17.86
N ALA A 181 3.90 8.18 -16.92
CA ALA A 181 4.17 7.38 -15.76
C ALA A 181 4.47 5.95 -16.17
N ALA A 182 3.74 5.44 -17.15
CA ALA A 182 3.94 4.07 -17.62
C ALA A 182 5.28 3.90 -18.35
N ARG A 183 5.66 4.90 -19.15
CA ARG A 183 6.96 4.90 -19.83
C ARG A 183 8.12 4.93 -18.80
N LEU A 184 7.98 5.76 -17.78
CA LEU A 184 8.95 5.83 -16.71
C LEU A 184 9.14 4.45 -16.09
N LEU A 185 8.02 3.80 -15.79
CA LEU A 185 8.11 2.48 -15.17
C LEU A 185 8.85 1.52 -16.09
N ASN A 186 8.47 1.50 -17.37
CA ASN A 186 9.07 0.57 -18.31
C ASN A 186 10.56 0.85 -18.43
N ASP A 187 10.92 2.13 -18.40
CA ASP A 187 12.32 2.53 -18.51
C ASP A 187 13.16 2.13 -17.30
N ASN A 188 12.57 2.20 -16.10
CA ASN A 188 13.27 1.75 -14.90
C ASN A 188 13.50 0.25 -14.92
N HIS A 189 12.60 -0.45 -15.57
CA HIS A 189 12.63 -1.89 -15.51
C HIS A 189 13.24 -2.52 -16.75
N GLY A 190 13.50 -1.72 -17.79
CA GLY A 190 14.09 -2.25 -19.02
C GLY A 190 13.10 -3.08 -19.82
N THR A 191 11.82 -2.78 -19.66
CA THR A 191 10.79 -3.52 -20.38
C THR A 191 10.23 -2.65 -21.48
N LYS A 192 9.69 -3.26 -22.53
CA LYS A 192 9.15 -2.47 -23.64
C LYS A 192 7.77 -1.86 -23.32
N GLU A 193 6.76 -2.67 -23.11
CA GLU A 193 5.46 -2.09 -22.80
C GLU A 193 4.71 -2.90 -21.78
N ALA A 194 5.46 -3.49 -20.86
CA ALA A 194 4.87 -4.24 -19.78
C ALA A 194 3.97 -3.37 -18.91
N TYR A 195 4.49 -2.23 -18.48
CA TYR A 195 3.72 -1.34 -17.63
C TYR A 195 2.83 -0.51 -18.52
N GLN A 196 1.56 -0.39 -18.12
CA GLN A 196 0.66 0.42 -18.89
C GLN A 196 -0.53 0.89 -18.07
N VAL A 197 -1.14 1.99 -18.49
CA VAL A 197 -2.46 2.30 -17.98
C VAL A 197 -3.50 1.85 -19.01
N ASN A 199 -5.94 2.24 -21.84
CA ASN A 199 -5.66 3.07 -23.01
C ASN A 199 -6.73 4.10 -23.29
#